data_3VHK
#
_entry.id   3VHK
#
_cell.length_a   135.719
_cell.length_b   56.354
_cell.length_c   51.875
_cell.angle_alpha   90.000
_cell.angle_beta   95.610
_cell.angle_gamma   90.000
#
_symmetry.space_group_name_H-M   'C 1 2 1'
#
loop_
_entity.id
_entity.type
_entity.pdbx_description
1 polymer 'Vascular endothelial growth factor receptor 2'
2 non-polymer {3-[(5-methyl-2-phenyl-1,3-oxazol-4-yl)methoxy]phenyl}methanol
3 non-polymer 1,2-ETHANEDIOL
4 water water
#
_entity_poly.entity_id   1
_entity_poly.type   'polypeptide(L)'
_entity_poly.pdbx_seq_one_letter_code
;GAMDPDELPLDEHCERLPYDASKWEFPRDRLKLGKPLGRGAFGQVIEADAFGIDKTATCRTVAVKMLKEGATHSEHRALM
SELKILIHIGHHLNVVNLLGACTKPGGPLMVIVEFCKFGNLSTYLRSKRNEFVPYKTKGARFRQGKDYVGAIPVDLKRRL
DSITSSQSSASSGFVEEKSLSDVEEEEAPEDLYKDFLTLEHLICYSFQVAKGMEFLASRKCIHRDLAARNILLSEKNVVK
ICDFGLARDIYKDPDYVRKGDARLPLKWMAPETIFDRVYTIQSDVWSFGVLLWEIFSLGASPYPGVKIDEEFCRRLKEGT
RMRAPDYTTPEMYQTMLDCWHGEPSQRPTFSELVEHLGNLLQANAQQD
;
_entity_poly.pdbx_strand_id   A
#
loop_
_chem_comp.id
_chem_comp.type
_chem_comp.name
_chem_comp.formula
BPK non-polymer {3-[(5-methyl-2-phenyl-1,3-oxazol-4-yl)methoxy]phenyl}methanol 'C18 H17 N O3'
EDO non-polymer 1,2-ETHANEDIOL 'C2 H6 O2'
#
# COMPACT_ATOMS: atom_id res chain seq x y z
N ASP A 11 7.88 4.99 14.50
CA ASP A 11 6.49 5.24 14.01
C ASP A 11 5.41 4.77 15.00
N GLU A 12 5.86 4.24 16.13
CA GLU A 12 4.97 3.80 17.20
C GLU A 12 5.03 4.78 18.37
N HIS A 13 5.98 5.71 18.29
CA HIS A 13 6.16 6.78 19.27
C HIS A 13 6.10 8.14 18.57
N CYS A 14 5.02 8.36 17.83
CA CYS A 14 4.92 9.50 16.90
C CYS A 14 4.28 10.77 17.49
N GLU A 15 3.97 10.72 18.79
CA GLU A 15 3.46 11.91 19.49
C GLU A 15 4.56 12.95 19.75
N ARG A 16 5.81 12.53 19.61
CA ARG A 16 6.97 13.41 19.82
C ARG A 16 7.40 14.10 18.52
N LEU A 17 6.86 13.64 17.39
CA LEU A 17 7.20 14.18 16.07
C LEU A 17 6.51 15.52 15.82
N PRO A 18 7.25 16.49 15.22
CA PRO A 18 6.73 17.85 15.03
C PRO A 18 5.71 18.00 13.90
N TYR A 19 4.88 19.04 14.00
CA TYR A 19 4.09 19.52 12.88
C TYR A 19 4.43 20.99 12.63
N ASP A 20 5.16 21.24 11.55
CA ASP A 20 5.53 22.59 11.15
C ASP A 20 4.41 23.22 10.33
N ALA A 21 3.54 23.97 11.00
CA ALA A 21 2.35 24.57 10.35
C ALA A 21 2.72 25.59 9.28
N SER A 22 3.80 26.33 9.49
CA SER A 22 4.24 27.34 8.51
C SER A 22 4.67 26.72 7.18
N LYS A 23 4.89 25.41 7.17
CA LYS A 23 5.27 24.69 5.97
C LYS A 23 4.15 23.83 5.39
N TRP A 24 3.34 23.21 6.26
CA TRP A 24 2.34 22.22 5.82
C TRP A 24 0.88 22.66 5.82
N GLU A 25 0.54 23.70 6.55
CA GLU A 25 -0.86 24.14 6.66
C GLU A 25 -1.37 24.70 5.34
N PHE A 26 -2.45 24.10 4.84
CA PHE A 26 -3.13 24.55 3.63
C PHE A 26 -4.48 25.14 4.02
N PRO A 27 -4.78 26.37 3.55
CA PRO A 27 -6.04 27.03 3.92
C PRO A 27 -7.24 26.30 3.32
N ARG A 28 -8.24 26.01 4.17
CA ARG A 28 -9.45 25.28 3.76
C ARG A 28 -10.21 25.92 2.61
N ASP A 29 -10.09 27.23 2.46
CA ASP A 29 -10.79 27.97 1.41
C ASP A 29 -10.13 27.89 0.04
N ARG A 30 -8.98 27.21 -0.03
CA ARG A 30 -8.32 26.90 -1.30
C ARG A 30 -8.49 25.42 -1.64
N LEU A 31 -9.30 24.74 -0.84
CA LEU A 31 -9.56 23.31 -1.04
C LEU A 31 -11.04 23.06 -1.33
N LYS A 32 -11.33 22.55 -2.52
CA LYS A 32 -12.70 22.27 -2.95
C LYS A 32 -12.95 20.76 -3.04
N LEU A 33 -13.80 20.24 -2.16
CA LEU A 33 -14.07 18.80 -2.08
C LEU A 33 -15.05 18.32 -3.13
N GLY A 34 -14.77 17.14 -3.69
CA GLY A 34 -15.63 16.51 -4.67
C GLY A 34 -16.17 15.18 -4.17
N LYS A 35 -16.16 14.17 -5.03
CA LYS A 35 -16.81 12.90 -4.74
C LYS A 35 -15.89 11.86 -4.09
N PRO A 36 -16.36 11.21 -3.00
CA PRO A 36 -15.64 10.17 -2.26
C PRO A 36 -15.09 9.04 -3.13
N LEU A 37 -13.87 8.62 -2.83
CA LEU A 37 -13.18 7.55 -3.56
C LEU A 37 -13.19 6.23 -2.78
N GLY A 38 -13.24 6.35 -1.46
CA GLY A 38 -13.31 5.19 -0.56
C GLY A 38 -13.90 5.58 0.78
N ARG A 39 -14.77 4.72 1.31
CA ARG A 39 -15.42 4.97 2.61
C ARG A 39 -15.33 3.76 3.53
N GLY A 40 -14.85 3.99 4.75
CA GLY A 40 -14.79 2.97 5.79
C GLY A 40 -15.92 3.14 6.78
N ALA A 41 -15.64 2.86 8.05
CA ALA A 41 -16.62 3.05 9.11
C ALA A 41 -16.42 4.41 9.80
N PHE A 42 -15.16 4.81 9.96
CA PHE A 42 -14.82 6.05 10.63
C PHE A 42 -14.09 7.06 9.74
N GLY A 43 -13.49 6.57 8.65
CA GLY A 43 -12.72 7.41 7.75
C GLY A 43 -13.15 7.36 6.30
N GLN A 44 -12.64 8.30 5.51
CA GLN A 44 -12.88 8.35 4.07
C GLN A 44 -11.73 9.03 3.29
N VAL A 45 -11.64 8.71 2.00
CA VAL A 45 -10.74 9.41 1.08
C VAL A 45 -11.60 10.13 0.02
N ILE A 46 -11.42 11.44 -0.09
CA ILE A 46 -12.21 12.29 -0.98
C ILE A 46 -11.39 12.86 -2.11
N GLU A 47 -11.90 12.79 -3.33
CA GLU A 47 -11.30 13.49 -4.47
C GLU A 47 -11.55 14.98 -4.34
N ALA A 48 -10.50 15.78 -4.56
CA ALA A 48 -10.60 17.23 -4.38
C ALA A 48 -9.82 18.02 -5.43
N ASP A 49 -10.08 19.32 -5.48
CA ASP A 49 -9.28 20.26 -6.26
C ASP A 49 -8.62 21.25 -5.30
N ALA A 50 -7.29 21.35 -5.36
CA ALA A 50 -6.52 22.20 -4.45
C ALA A 50 -5.76 23.27 -5.20
N PHE A 51 -6.02 24.54 -4.88
CA PHE A 51 -5.44 25.65 -5.62
C PHE A 51 -4.05 26.07 -5.13
N GLY A 52 -3.05 25.83 -5.97
CA GLY A 52 -1.68 26.28 -5.73
C GLY A 52 -0.99 25.61 -4.57
N ILE A 53 -1.32 24.34 -4.31
CA ILE A 53 -0.78 23.61 -3.17
C ILE A 53 0.71 23.28 -3.31
N ASP A 54 1.11 22.89 -4.52
CA ASP A 54 2.51 22.53 -4.80
C ASP A 54 3.16 23.41 -5.85
N LYS A 55 2.34 24.07 -6.66
CA LYS A 55 2.82 24.97 -7.71
C LYS A 55 2.00 26.26 -7.73
N THR A 56 2.69 27.39 -7.79
CA THR A 56 2.06 28.71 -7.73
C THR A 56 0.91 28.87 -8.74
N ALA A 57 -0.26 29.24 -8.22
CA ALA A 57 -1.47 29.51 -9.01
C ALA A 57 -1.96 28.35 -9.89
N THR A 58 -1.61 27.13 -9.49
CA THR A 58 -1.94 25.93 -10.28
C THR A 58 -2.97 25.07 -9.56
N CYS A 59 -4.11 24.84 -10.21
CA CYS A 59 -5.15 23.98 -9.68
C CYS A 59 -4.81 22.51 -9.93
N ARG A 60 -4.70 21.74 -8.86
CA ARG A 60 -4.33 20.32 -8.93
C ARG A 60 -5.37 19.41 -8.29
N THR A 61 -5.66 18.28 -8.94
CA THR A 61 -6.50 17.24 -8.35
C THR A 61 -5.69 16.52 -7.28
N VAL A 62 -6.31 16.35 -6.11
CA VAL A 62 -5.65 15.69 -4.98
C VAL A 62 -6.62 14.74 -4.30
N ALA A 63 -6.06 13.86 -3.47
CA ALA A 63 -6.86 12.98 -2.63
C ALA A 63 -6.78 13.47 -1.19
N VAL A 64 -7.94 13.68 -0.58
CA VAL A 64 -8.00 14.16 0.80
C VAL A 64 -8.39 13.01 1.72
N LYS A 65 -7.56 12.74 2.72
CA LYS A 65 -7.92 11.74 3.72
C LYS A 65 -8.42 12.44 4.98
N MET A 66 -9.60 12.02 5.43
CA MET A 66 -10.24 12.62 6.60
C MET A 66 -11.17 11.62 7.30
N LEU A 67 -11.71 12.03 8.44
CA LEU A 67 -12.68 11.21 9.16
C LEU A 67 -14.10 11.48 8.65
N LYS A 68 -15.05 10.68 9.13
CA LYS A 68 -16.46 10.85 8.78
C LYS A 68 -17.35 10.56 10.00
N GLU A 69 -18.66 10.70 9.82
CA GLU A 69 -19.65 10.38 10.85
C GLU A 69 -19.39 9.00 11.48
N GLY A 70 -19.31 8.98 12.82
CA GLY A 70 -18.99 7.76 13.55
C GLY A 70 -17.65 7.81 14.26
N ALA A 71 -16.69 8.52 13.66
CA ALA A 71 -15.35 8.68 14.23
C ALA A 71 -15.35 9.47 15.54
N THR A 72 -14.35 9.21 16.40
CA THR A 72 -14.24 9.85 17.71
C THR A 72 -12.92 10.64 17.84
N HIS A 73 -12.59 11.10 19.03
CA HIS A 73 -11.33 11.81 19.29
C HIS A 73 -10.15 10.86 19.09
N SER A 74 -10.40 9.58 19.33
CA SER A 74 -9.41 8.52 19.20
C SER A 74 -8.90 8.38 17.76
N GLU A 75 -9.83 8.35 16.79
CA GLU A 75 -9.49 8.25 15.37
C GLU A 75 -8.83 9.53 14.87
N HIS A 76 -9.20 10.66 15.49
CA HIS A 76 -8.61 11.96 15.17
C HIS A 76 -7.12 11.98 15.51
N ARG A 77 -6.77 11.44 16.67
CA ARG A 77 -5.37 11.31 17.08
C ARG A 77 -4.57 10.39 16.15
N ALA A 78 -5.21 9.31 15.72
CA ALA A 78 -4.57 8.33 14.83
C ALA A 78 -4.19 8.95 13.48
N LEU A 79 -5.12 9.75 12.93
CA LEU A 79 -4.90 10.45 11.67
C LEU A 79 -3.83 11.54 11.79
N MET A 80 -3.87 12.29 12.89
CA MET A 80 -2.83 13.28 13.18
C MET A 80 -1.45 12.61 13.26
N SER A 81 -1.42 11.37 13.75
CA SER A 81 -0.22 10.54 13.76
C SER A 81 0.26 10.18 12.36
N GLU A 82 -0.67 9.76 11.49
CA GLU A 82 -0.32 9.39 10.13
C GLU A 82 0.26 10.60 9.37
N LEU A 83 -0.28 11.78 9.66
CA LEU A 83 0.22 13.01 9.08
C LEU A 83 1.67 13.26 9.50
N LYS A 84 1.93 13.17 10.79
CA LYS A 84 3.27 13.40 11.36
C LYS A 84 4.31 12.42 10.84
N ILE A 85 3.88 11.16 10.66
CA ILE A 85 4.77 10.11 10.13
C ILE A 85 5.14 10.38 8.68
N LEU A 86 4.14 10.79 7.87
CA LEU A 86 4.37 11.15 6.47
C LEU A 86 5.33 12.33 6.31
N ILE A 87 5.24 13.31 7.21
CA ILE A 87 6.16 14.45 7.24
C ILE A 87 7.57 13.94 7.52
N HIS A 88 7.70 13.15 8.59
CA HIS A 88 8.96 12.55 9.01
C HIS A 88 9.62 11.73 7.89
N ILE A 89 8.88 10.76 7.36
CA ILE A 89 9.32 9.91 6.25
C ILE A 89 9.95 10.70 5.09
N GLY A 90 9.29 11.77 4.65
CA GLY A 90 9.81 12.56 3.54
C GLY A 90 9.35 12.03 2.20
N HIS A 91 9.77 12.70 1.11
CA HIS A 91 9.26 12.40 -0.23
C HIS A 91 10.03 11.32 -0.98
N HIS A 92 9.29 10.47 -1.68
CA HIS A 92 9.84 9.41 -2.52
C HIS A 92 8.83 9.06 -3.62
N LEU A 93 9.32 8.72 -4.80
CA LEU A 93 8.45 8.43 -5.95
C LEU A 93 7.38 7.38 -5.67
N ASN A 94 7.76 6.30 -4.97
CA ASN A 94 6.90 5.14 -4.77
C ASN A 94 6.20 5.07 -3.42
N VAL A 95 6.16 6.20 -2.73
CA VAL A 95 5.36 6.37 -1.52
C VAL A 95 4.44 7.55 -1.79
N VAL A 96 3.15 7.38 -1.50
CA VAL A 96 2.16 8.44 -1.70
C VAL A 96 2.58 9.71 -0.97
N ASN A 97 2.85 10.76 -1.75
CA ASN A 97 3.43 11.99 -1.21
C ASN A 97 2.42 12.93 -0.59
N LEU A 98 2.77 13.40 0.60
CA LEU A 98 2.02 14.43 1.30
C LEU A 98 2.22 15.78 0.63
N LEU A 99 1.14 16.55 0.54
CA LEU A 99 1.16 17.86 -0.14
C LEU A 99 0.81 19.02 0.81
N GLY A 100 0.17 18.69 1.92
CA GLY A 100 -0.34 19.69 2.85
C GLY A 100 -1.38 19.11 3.80
N ALA A 101 -1.99 19.98 4.60
CA ALA A 101 -2.96 19.57 5.63
C ALA A 101 -3.80 20.75 6.14
N CYS A 102 -5.04 20.46 6.48
CA CYS A 102 -5.89 21.40 7.22
C CYS A 102 -6.05 20.89 8.64
N THR A 103 -5.38 21.56 9.58
CA THR A 103 -5.40 21.14 10.99
C THR A 103 -5.98 22.21 11.92
N LYS A 104 -6.30 23.38 11.36
CA LYS A 104 -6.83 24.50 12.14
C LYS A 104 -8.20 24.19 12.75
N PRO A 105 -8.43 24.61 14.00
CA PRO A 105 -9.72 24.46 14.66
C PRO A 105 -10.87 25.05 13.85
N GLY A 106 -12.07 24.52 14.04
CA GLY A 106 -13.25 24.99 13.32
C GLY A 106 -13.56 24.15 12.09
N GLY A 107 -12.67 23.20 11.77
CA GLY A 107 -12.89 22.27 10.67
C GLY A 107 -12.29 20.89 10.93
N PRO A 108 -12.62 19.91 10.07
CA PRO A 108 -12.07 18.55 10.20
C PRO A 108 -10.59 18.44 9.81
N LEU A 109 -9.89 17.51 10.44
CA LEU A 109 -8.51 17.21 10.09
C LEU A 109 -8.46 16.57 8.70
N MET A 110 -7.79 17.24 7.77
CA MET A 110 -7.67 16.78 6.40
C MET A 110 -6.21 16.60 6.02
N VAL A 111 -5.87 15.39 5.58
CA VAL A 111 -4.52 15.07 5.11
C VAL A 111 -4.55 14.98 3.59
N ILE A 112 -3.86 15.90 2.93
CA ILE A 112 -3.92 16.06 1.47
C ILE A 112 -2.74 15.40 0.78
N VAL A 113 -3.01 14.36 0.01
CA VAL A 113 -1.99 13.59 -0.71
C VAL A 113 -2.19 13.62 -2.24
N GLU A 114 -1.20 13.07 -2.96
CA GLU A 114 -1.24 12.96 -4.43
C GLU A 114 -2.49 12.24 -4.92
N PHE A 115 -2.98 12.64 -6.08
CA PHE A 115 -4.03 11.90 -6.76
C PHE A 115 -3.42 10.83 -7.66
N CYS A 116 -3.91 9.59 -7.53
CA CYS A 116 -3.48 8.47 -8.35
C CYS A 116 -4.63 7.99 -9.21
N LYS A 117 -4.60 8.42 -10.47
CA LYS A 117 -5.70 8.31 -11.43
C LYS A 117 -6.34 6.93 -11.51
N PHE A 118 -5.50 5.89 -11.57
CA PHE A 118 -5.99 4.55 -11.90
C PHE A 118 -6.44 3.69 -10.71
N GLY A 119 -6.37 4.26 -9.51
CA GLY A 119 -6.85 3.59 -8.31
C GLY A 119 -5.92 2.47 -7.85
N ASN A 120 -6.43 1.60 -6.98
CA ASN A 120 -5.63 0.54 -6.41
C ASN A 120 -5.20 -0.49 -7.47
N LEU A 121 -4.07 -1.14 -7.23
CA LEU A 121 -3.45 -2.02 -8.21
C LEU A 121 -4.18 -3.35 -8.37
N SER A 122 -4.85 -3.81 -7.31
CA SER A 122 -5.62 -5.06 -7.38
C SER A 122 -6.75 -4.93 -8.39
N THR A 123 -7.58 -3.91 -8.21
CA THR A 123 -8.71 -3.63 -9.12
C THR A 123 -8.22 -3.43 -10.54
N TYR A 124 -7.14 -2.66 -10.69
CA TYR A 124 -6.61 -2.31 -11.99
C TYR A 124 -6.09 -3.51 -12.77
N LEU A 125 -5.27 -4.34 -12.13
CA LEU A 125 -4.72 -5.54 -12.78
C LEU A 125 -5.83 -6.49 -13.25
N ARG A 126 -6.83 -6.72 -12.40
CA ARG A 126 -8.04 -7.47 -12.78
C ARG A 126 -8.66 -6.97 -14.08
N SER A 127 -8.76 -5.64 -14.22
CA SER A 127 -9.36 -5.03 -15.40
C SER A 127 -8.52 -5.21 -16.66
N LYS A 128 -7.27 -5.63 -16.50
CA LYS A 128 -6.35 -5.78 -17.63
C LYS A 128 -6.08 -7.24 -18.06
N ARG A 129 -6.85 -8.18 -17.50
CA ARG A 129 -6.76 -9.59 -17.89
C ARG A 129 -6.96 -9.73 -19.39
N ASN A 130 -7.92 -8.95 -19.90
CA ASN A 130 -8.28 -8.93 -21.31
C ASN A 130 -7.21 -8.26 -22.18
N GLU A 131 -6.41 -7.39 -21.57
CA GLU A 131 -5.40 -6.60 -22.28
C GLU A 131 -3.99 -6.88 -21.73
N PHE A 132 -3.58 -8.14 -21.81
CA PHE A 132 -2.24 -8.55 -21.39
C PHE A 132 -1.58 -9.42 -22.45
N VAL A 133 -0.29 -9.18 -22.67
CA VAL A 133 0.56 -10.03 -23.48
C VAL A 133 1.97 -9.99 -22.88
N PRO A 134 2.59 -11.17 -22.64
CA PRO A 134 3.91 -11.23 -22.01
C PRO A 134 4.97 -10.35 -22.68
N TYR A 135 5.03 -10.39 -24.01
CA TYR A 135 6.03 -9.62 -24.76
C TYR A 135 5.41 -8.87 -25.92
N LYS A 136 5.84 -7.62 -26.09
CA LYS A 136 5.31 -6.72 -27.11
C LYS A 136 6.36 -6.47 -28.19
N TYR A 193 -1.68 -3.22 -29.45
CA TYR A 193 -1.19 -3.42 -28.09
C TYR A 193 -0.83 -2.09 -27.43
N LYS A 194 -1.57 -1.04 -27.79
CA LYS A 194 -1.30 0.32 -27.33
C LYS A 194 -1.22 0.43 -25.81
N ASP A 195 -2.24 -0.08 -25.12
CA ASP A 195 -2.32 0.05 -23.67
C ASP A 195 -2.27 -1.30 -22.95
N PHE A 196 -1.68 -2.29 -23.61
CA PHE A 196 -1.54 -3.65 -23.07
C PHE A 196 -0.44 -3.71 -22.01
N LEU A 197 -0.73 -4.41 -20.91
CA LEU A 197 0.29 -4.75 -19.92
C LEU A 197 1.20 -5.84 -20.47
N THR A 198 2.40 -5.91 -19.95
CA THR A 198 3.37 -6.92 -20.33
C THR A 198 4.02 -7.47 -19.08
N LEU A 199 4.82 -8.52 -19.24
CA LEU A 199 5.64 -9.04 -18.17
C LEU A 199 6.56 -7.94 -17.60
N GLU A 200 7.05 -7.07 -18.48
CA GLU A 200 7.91 -5.96 -18.08
C GLU A 200 7.20 -5.01 -17.10
N HIS A 201 5.96 -4.65 -17.43
CA HIS A 201 5.14 -3.80 -16.56
C HIS A 201 5.04 -4.38 -15.15
N LEU A 202 4.87 -5.70 -15.08
CA LEU A 202 4.68 -6.39 -13.80
C LEU A 202 5.94 -6.43 -12.93
N ILE A 203 7.09 -6.73 -13.55
CA ILE A 203 8.35 -6.71 -12.82
C ILE A 203 8.66 -5.29 -12.37
N CYS A 204 8.39 -4.33 -13.26
CA CYS A 204 8.52 -2.91 -12.96
C CYS A 204 7.71 -2.46 -11.72
N TYR A 205 6.45 -2.89 -11.64
CA TYR A 205 5.61 -2.58 -10.48
C TYR A 205 6.21 -3.16 -9.21
N SER A 206 6.63 -4.42 -9.32
CA SER A 206 7.25 -5.15 -8.21
C SER A 206 8.51 -4.44 -7.71
N PHE A 207 9.34 -4.01 -8.66
CA PHE A 207 10.58 -3.28 -8.39
C PHE A 207 10.28 -1.97 -7.65
N GLN A 208 9.30 -1.22 -8.18
CA GLN A 208 8.92 0.07 -7.61
C GLN A 208 8.44 -0.06 -6.16
N VAL A 209 7.64 -1.08 -5.89
CA VAL A 209 7.11 -1.28 -4.54
C VAL A 209 8.24 -1.67 -3.59
N ALA A 210 9.17 -2.49 -4.06
CA ALA A 210 10.36 -2.86 -3.29
C ALA A 210 11.19 -1.62 -2.98
N LYS A 211 11.39 -0.76 -3.98
CA LYS A 211 12.04 0.54 -3.79
C LYS A 211 11.36 1.36 -2.69
N GLY A 212 10.05 1.54 -2.81
CA GLY A 212 9.27 2.27 -1.83
C GLY A 212 9.39 1.69 -0.43
N MET A 213 9.41 0.36 -0.34
CA MET A 213 9.53 -0.32 0.95
C MET A 213 10.94 -0.20 1.54
N GLU A 214 11.95 -0.25 0.69
CA GLU A 214 13.34 -0.02 1.12
C GLU A 214 13.48 1.37 1.74
N PHE A 215 12.89 2.36 1.07
CA PHE A 215 12.83 3.73 1.57
C PHE A 215 12.18 3.80 2.96
N LEU A 216 10.98 3.23 3.09
CA LEU A 216 10.25 3.21 4.36
C LEU A 216 11.06 2.55 5.48
N ALA A 217 11.66 1.39 5.17
CA ALA A 217 12.53 0.66 6.11
C ALA A 217 13.66 1.54 6.63
N SER A 218 14.31 2.26 5.70
CA SER A 218 15.43 3.14 6.03
C SER A 218 15.00 4.38 6.81
N ARG A 219 13.70 4.69 6.80
CA ARG A 219 13.18 5.79 7.64
C ARG A 219 12.68 5.26 8.98
N LYS A 220 13.15 4.07 9.36
CA LYS A 220 12.88 3.45 10.65
C LYS A 220 11.41 3.20 10.94
N CYS A 221 10.65 2.85 9.89
CA CYS A 221 9.24 2.52 10.08
C CYS A 221 8.76 1.41 9.14
N ILE A 222 7.67 0.75 9.53
CA ILE A 222 7.12 -0.40 8.82
C ILE A 222 5.66 -0.18 8.42
N HIS A 223 5.18 -0.93 7.44
CA HIS A 223 3.85 -0.70 6.86
C HIS A 223 2.70 -1.40 7.62
N ARG A 224 2.85 -2.70 7.87
CA ARG A 224 1.88 -3.52 8.63
C ARG A 224 0.64 -3.97 7.85
N ASP A 225 0.44 -3.45 6.63
CA ASP A 225 -0.71 -3.84 5.80
C ASP A 225 -0.39 -3.77 4.29
N LEU A 226 0.75 -4.35 3.92
CA LEU A 226 1.20 -4.33 2.53
C LEU A 226 0.42 -5.32 1.68
N ALA A 227 -0.24 -4.80 0.66
CA ALA A 227 -1.07 -5.58 -0.26
C ALA A 227 -1.37 -4.74 -1.51
N ALA A 228 -1.77 -5.40 -2.59
CA ALA A 228 -2.09 -4.73 -3.86
C ALA A 228 -3.16 -3.66 -3.71
N ARG A 229 -4.11 -3.90 -2.80
CA ARG A 229 -5.18 -2.94 -2.51
C ARG A 229 -4.64 -1.66 -1.86
N ASN A 230 -3.42 -1.74 -1.33
CA ASN A 230 -2.73 -0.57 -0.74
C ASN A 230 -1.60 -0.02 -1.61
N ILE A 231 -1.58 -0.45 -2.88
CA ILE A 231 -0.70 0.11 -3.88
C ILE A 231 -1.57 0.84 -4.89
N LEU A 232 -1.22 2.09 -5.19
CA LEU A 232 -1.99 2.89 -6.14
C LEU A 232 -1.20 3.13 -7.42
N LEU A 233 -1.91 3.28 -8.54
CA LEU A 233 -1.27 3.49 -9.83
C LEU A 233 -1.56 4.89 -10.35
N SER A 234 -0.49 5.67 -10.53
CA SER A 234 -0.56 7.01 -11.09
C SER A 234 -0.36 6.96 -12.61
N GLU A 235 -0.17 8.12 -13.24
CA GLU A 235 0.16 8.16 -14.67
C GLU A 235 1.61 7.72 -14.91
N LYS A 236 1.92 7.35 -16.15
CA LYS A 236 3.28 6.94 -16.55
C LYS A 236 3.82 5.72 -15.79
N ASN A 237 2.92 4.83 -15.37
CA ASN A 237 3.27 3.58 -14.66
C ASN A 237 3.97 3.71 -13.30
N VAL A 238 3.85 4.89 -12.66
CA VAL A 238 4.36 5.06 -11.30
C VAL A 238 3.37 4.40 -10.32
N VAL A 239 3.89 3.52 -9.47
CA VAL A 239 3.07 2.95 -8.41
C VAL A 239 3.52 3.48 -7.06
N LYS A 240 2.56 3.61 -6.15
CA LYS A 240 2.81 4.26 -4.89
C LYS A 240 2.21 3.48 -3.73
N ILE A 241 3.03 3.24 -2.71
CA ILE A 241 2.56 2.63 -1.48
C ILE A 241 1.72 3.63 -0.71
N CYS A 242 0.57 3.18 -0.21
CA CYS A 242 -0.27 3.99 0.66
C CYS A 242 -0.91 3.13 1.72
N ASP A 243 -1.87 3.70 2.43
CA ASP A 243 -2.67 2.99 3.42
C ASP A 243 -4.03 3.67 3.55
N PHE A 244 -5.09 3.00 3.13
CA PHE A 244 -6.45 3.52 3.27
C PHE A 244 -6.82 3.61 4.75
N GLY A 245 -6.31 2.66 5.54
CA GLY A 245 -6.56 2.62 6.97
C GLY A 245 -8.04 2.64 7.31
N LEU A 246 -8.47 3.71 7.96
CA LEU A 246 -9.87 3.89 8.36
C LEU A 246 -10.81 4.20 7.20
N ALA A 247 -10.24 4.55 6.04
CA ALA A 247 -11.02 4.80 4.82
C ALA A 247 -11.50 3.51 4.15
N ARG A 248 -10.96 2.37 4.57
CA ARG A 248 -11.41 1.08 4.09
C ARG A 248 -12.40 0.46 5.08
N ASP A 249 -13.46 -0.14 4.53
CA ASP A 249 -14.48 -0.81 5.33
C ASP A 249 -14.05 -2.25 5.63
N ILE A 250 -13.30 -2.42 6.73
CA ILE A 250 -12.71 -3.72 7.10
C ILE A 250 -13.74 -4.78 7.54
N TYR A 251 -14.91 -4.32 7.94
CA TYR A 251 -15.99 -5.19 8.40
C TYR A 251 -16.68 -5.88 7.22
N LYS A 252 -16.78 -5.16 6.09
CA LYS A 252 -17.46 -5.68 4.90
C LYS A 252 -16.49 -6.14 3.80
N ASP A 253 -15.19 -5.95 4.04
CA ASP A 253 -14.14 -6.42 3.13
C ASP A 253 -13.80 -7.88 3.48
N PRO A 254 -13.97 -8.81 2.50
CA PRO A 254 -13.62 -10.22 2.69
C PRO A 254 -12.15 -10.47 3.04
N ASP A 255 -11.27 -9.53 2.67
CA ASP A 255 -9.83 -9.63 2.95
C ASP A 255 -9.46 -9.62 4.43
N TYR A 256 -10.34 -9.05 5.25
CA TYR A 256 -10.10 -8.92 6.69
C TYR A 256 -11.00 -9.86 7.50
N VAL A 257 -10.46 -11.04 7.80
CA VAL A 257 -11.18 -12.09 8.53
C VAL A 257 -11.29 -11.72 10.01
N ARG A 258 -12.41 -12.10 10.64
CA ARG A 258 -12.69 -11.77 12.03
C ARG A 258 -11.74 -12.47 13.00
N LYS A 259 -10.92 -11.67 13.67
CA LYS A 259 -9.98 -12.09 14.72
C LYS A 259 -9.21 -13.38 14.40
N ALA A 262 -10.74 -7.91 16.49
CA ALA A 262 -9.99 -7.22 15.44
C ALA A 262 -10.20 -7.87 14.08
N ARG A 263 -10.20 -7.06 13.02
CA ARG A 263 -10.28 -7.56 11.64
C ARG A 263 -8.88 -7.50 11.03
N LEU A 264 -8.31 -8.68 10.75
CA LEU A 264 -6.92 -8.77 10.30
C LEU A 264 -6.80 -9.39 8.90
N PRO A 265 -5.89 -8.85 8.06
CA PRO A 265 -5.61 -9.38 6.72
C PRO A 265 -4.77 -10.65 6.76
N LEU A 266 -5.38 -11.75 7.23
CA LEU A 266 -4.65 -12.98 7.55
C LEU A 266 -3.84 -13.57 6.40
N LYS A 267 -4.37 -13.44 5.18
CA LYS A 267 -3.70 -13.98 3.99
C LYS A 267 -2.38 -13.26 3.65
N TRP A 268 -2.15 -12.09 4.23
CA TRP A 268 -0.94 -11.32 3.99
C TRP A 268 0.02 -11.34 5.18
N MET A 269 -0.43 -11.92 6.29
CA MET A 269 0.31 -11.89 7.54
C MET A 269 1.26 -13.07 7.69
N ALA A 270 2.49 -12.76 8.09
CA ALA A 270 3.51 -13.76 8.38
C ALA A 270 3.16 -14.57 9.65
N PRO A 271 3.61 -15.84 9.73
CA PRO A 271 3.29 -16.73 10.85
C PRO A 271 3.53 -16.11 12.24
N GLU A 272 4.65 -15.41 12.41
CA GLU A 272 4.99 -14.78 13.69
C GLU A 272 4.05 -13.62 14.05
N THR A 273 3.40 -13.06 13.04
CA THR A 273 2.42 -12.00 13.23
C THR A 273 1.05 -12.60 13.55
N ILE A 274 0.78 -13.78 13.00
CA ILE A 274 -0.45 -14.51 13.27
C ILE A 274 -0.45 -15.08 14.69
N PHE A 275 0.59 -15.86 15.00
CA PHE A 275 0.70 -16.54 16.30
C PHE A 275 1.23 -15.64 17.43
N ASP A 276 2.38 -15.00 17.20
CA ASP A 276 3.05 -14.21 18.25
C ASP A 276 2.71 -12.72 18.20
N ARG A 277 2.06 -12.29 17.11
CA ARG A 277 1.72 -10.88 16.87
C ARG A 277 2.90 -9.91 16.92
N VAL A 278 4.00 -10.33 16.30
CA VAL A 278 5.21 -9.50 16.17
C VAL A 278 5.24 -8.84 14.78
N TYR A 279 5.32 -7.51 14.77
CA TYR A 279 5.42 -6.73 13.53
C TYR A 279 6.82 -6.21 13.32
N THR A 280 7.47 -6.65 12.24
CA THR A 280 8.81 -6.22 11.88
C THR A 280 8.87 -5.90 10.39
N ILE A 281 10.00 -5.34 9.95
CA ILE A 281 10.21 -5.10 8.52
C ILE A 281 10.28 -6.43 7.75
N GLN A 282 10.73 -7.49 8.41
CA GLN A 282 10.82 -8.81 7.78
C GLN A 282 9.46 -9.49 7.61
N SER A 283 8.49 -9.12 8.43
CA SER A 283 7.12 -9.62 8.24
C SER A 283 6.44 -8.89 7.09
N ASP A 284 6.91 -7.68 6.80
CA ASP A 284 6.49 -6.94 5.59
C ASP A 284 7.07 -7.60 4.33
N VAL A 285 8.26 -8.18 4.45
CA VAL A 285 8.87 -8.90 3.33
C VAL A 285 8.00 -10.10 2.93
N TRP A 286 7.46 -10.80 3.93
CA TRP A 286 6.47 -11.85 3.71
C TRP A 286 5.30 -11.32 2.91
N SER A 287 4.73 -10.20 3.38
CA SER A 287 3.56 -9.59 2.75
C SER A 287 3.86 -9.14 1.32
N PHE A 288 5.10 -8.67 1.09
CA PHE A 288 5.57 -8.31 -0.23
C PHE A 288 5.54 -9.50 -1.17
N GLY A 289 5.89 -10.67 -0.65
CA GLY A 289 5.81 -11.91 -1.40
C GLY A 289 4.40 -12.24 -1.83
N VAL A 290 3.43 -11.95 -0.97
CA VAL A 290 2.00 -12.14 -1.30
C VAL A 290 1.53 -11.11 -2.34
N LEU A 291 2.03 -9.87 -2.22
CA LEU A 291 1.78 -8.84 -3.22
C LEU A 291 2.31 -9.26 -4.60
N LEU A 292 3.52 -9.82 -4.63
CA LEU A 292 4.08 -10.40 -5.86
C LEU A 292 3.12 -11.39 -6.51
N TRP A 293 2.52 -12.25 -5.69
CA TRP A 293 1.54 -13.24 -6.15
C TRP A 293 0.30 -12.55 -6.75
N GLU A 294 -0.17 -11.48 -6.10
CA GLU A 294 -1.26 -10.67 -6.61
C GLU A 294 -0.92 -10.02 -7.95
N ILE A 295 0.29 -9.49 -8.07
CA ILE A 295 0.72 -8.84 -9.30
C ILE A 295 0.80 -9.83 -10.46
N PHE A 296 1.31 -11.02 -10.18
CA PHE A 296 1.57 -12.03 -11.22
C PHE A 296 0.43 -13.03 -11.39
N SER A 297 -0.69 -12.75 -10.76
CA SER A 297 -1.97 -13.43 -11.01
C SER A 297 -2.96 -12.39 -11.55
N LEU A 298 -2.42 -11.20 -11.85
CA LEU A 298 -3.18 -10.04 -12.30
C LEU A 298 -4.41 -9.75 -11.42
N GLY A 299 -4.15 -9.60 -10.13
CA GLY A 299 -5.16 -9.16 -9.17
C GLY A 299 -6.09 -10.22 -8.60
N ALA A 300 -5.75 -11.50 -8.78
CA ALA A 300 -6.50 -12.58 -8.16
C ALA A 300 -6.36 -12.55 -6.65
N SER A 301 -7.34 -13.10 -5.94
CA SER A 301 -7.28 -13.17 -4.47
C SER A 301 -6.42 -14.37 -4.03
N PRO A 302 -5.50 -14.13 -3.06
CA PRO A 302 -4.60 -15.17 -2.55
C PRO A 302 -5.31 -16.36 -1.90
N TYR A 303 -4.66 -17.52 -1.94
CA TYR A 303 -5.20 -18.79 -1.44
C TYR A 303 -6.62 -19.04 -1.94
N PRO A 304 -6.79 -19.15 -3.28
CA PRO A 304 -8.13 -19.28 -3.87
C PRO A 304 -8.84 -20.57 -3.43
N GLY A 305 -10.14 -20.45 -3.18
CA GLY A 305 -10.94 -21.59 -2.71
C GLY A 305 -10.77 -21.86 -1.23
N VAL A 306 -9.52 -21.81 -0.77
CA VAL A 306 -9.16 -22.11 0.62
C VAL A 306 -9.81 -21.13 1.60
N LYS A 307 -10.45 -21.65 2.64
CA LYS A 307 -11.05 -20.80 3.67
C LYS A 307 -10.14 -20.58 4.87
N ILE A 308 -10.03 -19.32 5.27
CA ILE A 308 -9.05 -18.89 6.26
C ILE A 308 -9.55 -19.10 7.69
N ASP A 309 -9.03 -20.14 8.33
CA ASP A 309 -9.42 -20.52 9.69
C ASP A 309 -8.20 -20.87 10.55
N GLU A 310 -8.46 -21.58 11.65
CA GLU A 310 -7.42 -22.01 12.59
C GLU A 310 -6.48 -23.05 11.98
N GLU A 311 -7.04 -23.90 11.11
CA GLU A 311 -6.28 -24.99 10.49
C GLU A 311 -5.58 -24.56 9.19
N PHE A 312 -5.85 -23.34 8.76
CA PHE A 312 -5.14 -22.71 7.64
C PHE A 312 -3.75 -22.22 8.07
N CYS A 313 -3.63 -21.84 9.34
CA CYS A 313 -2.40 -21.30 9.89
C CYS A 313 -1.35 -22.37 10.19
N ARG A 314 -1.80 -23.53 10.66
CA ARG A 314 -0.91 -24.64 10.99
C ARG A 314 -0.18 -25.18 9.75
N ARG A 315 -0.88 -25.19 8.62
CA ARG A 315 -0.30 -25.57 7.34
C ARG A 315 0.82 -24.63 6.91
N LEU A 316 0.62 -23.33 7.15
CA LEU A 316 1.65 -22.31 6.92
C LEU A 316 2.80 -22.46 7.91
N LYS A 317 2.46 -22.83 9.14
CA LYS A 317 3.42 -23.00 10.23
C LYS A 317 4.42 -24.12 9.93
N GLU A 318 4.04 -25.04 9.04
CA GLU A 318 4.92 -26.14 8.63
C GLU A 318 5.18 -26.22 7.12
N GLY A 319 4.97 -25.10 6.42
CA GLY A 319 5.53 -24.90 5.09
C GLY A 319 4.69 -25.12 3.85
N THR A 320 3.37 -24.95 3.97
CA THR A 320 2.50 -25.03 2.80
C THR A 320 2.37 -23.64 2.16
N ARG A 321 2.72 -23.56 0.87
CA ARG A 321 2.68 -22.29 0.15
C ARG A 321 1.72 -22.36 -1.03
N MET A 322 1.31 -21.18 -1.52
CA MET A 322 0.51 -21.08 -2.73
C MET A 322 1.26 -21.63 -3.92
N ARG A 323 0.52 -22.17 -4.88
CA ARG A 323 1.09 -22.59 -6.17
C ARG A 323 1.50 -21.34 -6.96
N ALA A 324 2.14 -21.55 -8.11
CA ALA A 324 2.55 -20.44 -8.97
C ALA A 324 1.33 -19.78 -9.62
N PRO A 325 1.30 -18.43 -9.63
CA PRO A 325 0.22 -17.72 -10.31
C PRO A 325 0.37 -17.80 -11.84
N ASP A 326 -0.73 -17.56 -12.56
CA ASP A 326 -0.81 -17.81 -14.01
C ASP A 326 0.20 -17.08 -14.90
N TYR A 327 0.76 -15.97 -14.40
CA TYR A 327 1.54 -15.06 -15.23
C TYR A 327 3.01 -14.93 -14.80
N THR A 328 3.39 -15.67 -13.77
CA THR A 328 4.73 -15.59 -13.20
C THR A 328 5.82 -16.14 -14.14
N THR A 329 7.07 -15.78 -13.83
CA THR A 329 8.25 -16.44 -14.40
C THR A 329 8.87 -17.29 -13.29
N PRO A 330 9.70 -18.30 -13.67
CA PRO A 330 10.31 -19.18 -12.66
C PRO A 330 11.04 -18.42 -11.54
N GLU A 331 11.85 -17.44 -11.90
CA GLU A 331 12.63 -16.64 -10.95
C GLU A 331 11.73 -15.86 -10.02
N MET A 332 10.64 -15.33 -10.56
CA MET A 332 9.69 -14.53 -9.80
C MET A 332 8.97 -15.37 -8.73
N TYR A 333 8.55 -16.59 -9.11
CA TYR A 333 7.94 -17.51 -8.15
C TYR A 333 8.94 -17.91 -7.05
N GLN A 334 10.20 -18.09 -7.42
CA GLN A 334 11.25 -18.39 -6.45
C GLN A 334 11.43 -17.23 -5.47
N THR A 335 11.30 -16.00 -5.98
CA THR A 335 11.38 -14.79 -5.14
C THR A 335 10.22 -14.74 -4.15
N MET A 336 9.04 -15.20 -4.55
CA MET A 336 7.89 -15.33 -3.64
C MET A 336 8.24 -16.30 -2.51
N LEU A 337 8.79 -17.45 -2.88
CA LEU A 337 9.21 -18.47 -1.91
C LEU A 337 10.27 -17.96 -0.91
N ASP A 338 11.27 -17.23 -1.41
CA ASP A 338 12.28 -16.59 -0.56
C ASP A 338 11.64 -15.67 0.49
N CYS A 339 10.69 -14.85 0.03
CA CYS A 339 9.94 -13.96 0.90
C CYS A 339 9.09 -14.72 1.92
N TRP A 340 8.65 -15.93 1.54
CA TRP A 340 7.80 -16.76 2.40
C TRP A 340 8.59 -17.80 3.22
N HIS A 341 9.89 -17.57 3.40
CA HIS A 341 10.70 -18.46 4.23
C HIS A 341 10.24 -18.42 5.69
N GLY A 342 10.33 -19.56 6.37
CA GLY A 342 9.90 -19.70 7.76
C GLY A 342 10.62 -18.80 8.75
N GLU A 343 11.95 -18.73 8.65
CA GLU A 343 12.74 -17.88 9.54
C GLU A 343 12.84 -16.45 9.01
N PRO A 344 12.34 -15.46 9.78
CA PRO A 344 12.31 -14.05 9.40
C PRO A 344 13.66 -13.48 8.93
N SER A 345 14.75 -13.93 9.56
CA SER A 345 16.09 -13.48 9.19
C SER A 345 16.58 -14.10 7.88
N GLN A 346 15.99 -15.23 7.50
CA GLN A 346 16.35 -15.94 6.27
C GLN A 346 15.67 -15.35 5.03
N ARG A 347 14.66 -14.53 5.23
CA ARG A 347 14.02 -13.78 4.15
C ARG A 347 14.97 -12.68 3.67
N PRO A 348 14.98 -12.40 2.35
CA PRO A 348 15.80 -11.29 1.86
C PRO A 348 15.32 -9.92 2.39
N THR A 349 16.25 -8.98 2.51
CA THR A 349 15.90 -7.60 2.86
C THR A 349 15.30 -6.92 1.64
N PHE A 350 14.71 -5.74 1.83
CA PHE A 350 14.17 -4.98 0.71
C PHE A 350 15.28 -4.41 -0.18
N SER A 351 16.43 -4.12 0.42
CA SER A 351 17.64 -3.72 -0.32
C SER A 351 18.07 -4.81 -1.31
N GLU A 352 17.98 -6.07 -0.87
CA GLU A 352 18.31 -7.22 -1.69
C GLU A 352 17.25 -7.45 -2.76
N LEU A 353 15.99 -7.18 -2.40
CA LEU A 353 14.86 -7.32 -3.31
C LEU A 353 14.91 -6.28 -4.42
N VAL A 354 15.39 -5.08 -4.10
CA VAL A 354 15.53 -4.01 -5.11
C VAL A 354 16.58 -4.38 -6.15
N GLU A 355 17.74 -4.85 -5.68
CA GLU A 355 18.82 -5.29 -6.57
C GLU A 355 18.41 -6.48 -7.43
N HIS A 356 17.70 -7.44 -6.83
CA HIS A 356 17.31 -8.65 -7.54
C HIS A 356 16.25 -8.38 -8.62
N LEU A 357 15.24 -7.59 -8.28
CA LEU A 357 14.20 -7.24 -9.25
C LEU A 357 14.74 -6.31 -10.33
N GLY A 358 15.75 -5.51 -9.96
CA GLY A 358 16.46 -4.68 -10.93
C GLY A 358 17.16 -5.53 -11.97
N ASN A 359 17.77 -6.63 -11.51
CA ASN A 359 18.40 -7.61 -12.38
C ASN A 359 17.39 -8.30 -13.30
N LEU A 360 16.29 -8.77 -12.72
CA LEU A 360 15.22 -9.42 -13.47
C LEU A 360 14.57 -8.50 -14.49
N LEU A 361 14.51 -7.20 -14.15
CA LEU A 361 13.98 -6.19 -15.04
C LEU A 361 14.88 -6.03 -16.26
N GLN A 362 16.18 -6.04 -16.00
CA GLN A 362 17.20 -5.96 -17.04
C GLN A 362 17.23 -7.22 -17.91
N ALA A 363 17.04 -8.37 -17.28
CA ALA A 363 17.04 -9.67 -17.97
C ALA A 363 15.81 -9.83 -18.86
N ASN A 364 14.73 -9.14 -18.51
CA ASN A 364 13.50 -9.15 -19.29
C ASN A 364 13.63 -8.33 -20.58
N ALA A 365 14.16 -7.12 -20.46
CA ALA A 365 14.39 -6.25 -21.62
C ALA A 365 15.74 -6.52 -22.27
C5 BPK B . -6.02 6.89 -1.04
C4 BPK B . -5.45 8.13 -0.87
C6 BPK B . -5.67 5.85 -0.20
C19 BPK B . 3.63 4.77 4.00
C3 BPK B . -4.53 8.33 0.14
C7 BPK B . -4.75 6.05 0.81
C18 BPK B . 3.49 4.58 5.35
C20 BPK B . 2.58 5.31 3.28
C16 BPK B . 1.28 5.45 5.29
C2 BPK B . -4.18 7.29 0.98
C17 BPK B . 2.32 4.91 6.00
C15 BPK B . 1.41 5.65 3.93
C9 BPK B . -1.61 7.49 3.38
C10 BPK B . -2.41 8.58 3.67
C1 BPK B . -3.22 7.51 2.02
C12 BPK B . -2.37 9.66 4.67
C21 BPK B . 2.18 4.70 7.47
C13 BPK B . -0.37 7.04 4.03
N8 BPK B . -2.15 6.81 2.32
O11 BPK B . -3.45 8.60 2.80
O22 BPK B . 2.44 3.34 7.75
O14 BPK B . 0.38 6.19 3.18
C1 EDO C . -6.11 8.76 -5.21
O1 EDO C . -4.83 8.69 -4.55
C2 EDO C . -6.88 7.45 -5.04
O2 EDO C . -6.94 6.75 -6.29
#